data_6MNI
#
_entry.id   6MNI
#
_cell.length_a   34.244
_cell.length_b   53.916
_cell.length_c   73.312
_cell.angle_alpha   104.790
_cell.angle_beta   91.200
_cell.angle_gamma   92.710
#
_symmetry.space_group_name_H-M   'P 1'
#
loop_
_entity.id
_entity.type
_entity.pdbx_description
1 polymer 'Methyl-accepting chemotaxis protein'
2 non-polymer PROLINE
3 non-polymer GLYCEROL
4 non-polymer 'CHLORIDE ION'
5 water water
#
_entity_poly.entity_id   1
_entity_poly.type   'polypeptide(L)'
_entity_poly.pdbx_seq_one_letter_code
;MGSSHHHHHHSSGLVPRGSHMVNLRDKATSDFVDSSGREIRQVDNAMQLFFDGITQNVNYIAAHPLIAGAGDDFRNYMGA
VATAQSENDKQATELFASIAKAHPAYSYVSYGLINGSYIMTPEDPKMSNYDPRVRPWYKTAMANAGKTVRSDAYYWANDD
AVLVSTIRAIPNKLGNPGGVVNIDVSLKQLTNIVKQIKLGESGYLMLMEKNGTVLVDPKQPEHNFKKLGELGDGFAELAK
TGSGLVELTLNGERYMANVYPSEQLGWNFIGLIKQDEVMASATRLTW
;
_entity_poly.pdbx_strand_id   A,B
#
# COMPACT_ATOMS: atom_id res chain seq x y z
N ASN A 23 14.96 -18.89 34.44
CA ASN A 23 15.73 -19.28 33.23
C ASN A 23 14.82 -19.83 32.15
N LEU A 24 14.21 -21.00 32.39
CA LEU A 24 13.22 -21.51 31.44
C LEU A 24 12.04 -20.55 31.31
N ARG A 25 11.56 -20.00 32.43
CA ARG A 25 10.55 -18.95 32.36
C ARG A 25 11.06 -17.76 31.53
N ASP A 26 12.31 -17.35 31.78
CA ASP A 26 12.90 -16.24 31.03
C ASP A 26 13.01 -16.57 29.55
N LYS A 27 13.40 -17.79 29.22
CA LYS A 27 13.54 -18.13 27.80
C LYS A 27 12.19 -18.14 27.10
N ALA A 28 11.17 -18.69 27.76
CA ALA A 28 9.84 -18.67 27.16
C ALA A 28 9.32 -17.25 27.01
N THR A 29 9.61 -16.39 28.00
CA THR A 29 9.17 -15.00 27.91
C THR A 29 9.93 -14.23 26.85
N SER A 30 11.26 -14.38 26.79
CA SER A 30 12.01 -13.68 25.75
C SER A 30 11.66 -14.21 24.37
N ASP A 31 11.29 -15.49 24.26
CA ASP A 31 10.85 -16.01 22.97
C ASP A 31 9.56 -15.35 22.53
N PHE A 32 8.63 -15.11 23.47
CA PHE A 32 7.40 -14.42 23.12
C PHE A 32 7.71 -12.98 22.69
N VAL A 33 8.53 -12.28 23.48
CA VAL A 33 8.83 -10.89 23.18
C VAL A 33 9.53 -10.78 21.83
N ASP A 34 10.51 -11.66 21.59
CA ASP A 34 11.24 -11.66 20.32
C ASP A 34 10.33 -12.03 19.16
N SER A 35 9.59 -13.13 19.29
CA SER A 35 8.72 -13.59 18.22
C SER A 35 7.62 -12.57 17.91
N SER A 36 6.94 -12.07 18.94
CA SER A 36 5.84 -11.14 18.69
C SER A 36 6.34 -9.81 18.14
N GLY A 37 7.49 -9.33 18.62
CA GLY A 37 8.04 -8.10 18.09
C GLY A 37 8.46 -8.26 16.64
N ARG A 38 9.00 -9.43 16.29
CA ARG A 38 9.44 -9.63 14.92
C ARG A 38 8.26 -9.73 13.98
N GLU A 39 7.16 -10.32 14.44
CA GLU A 39 5.95 -10.38 13.63
CA GLU A 39 5.96 -10.38 13.61
C GLU A 39 5.27 -9.02 13.54
N ILE A 40 5.16 -8.31 14.68
CA ILE A 40 4.48 -7.03 14.67
C ILE A 40 5.22 -6.02 13.81
N ARG A 41 6.55 -6.06 13.81
CA ARG A 41 7.27 -5.09 13.00
C ARG A 41 6.93 -5.25 11.53
N GLN A 42 6.62 -6.47 11.08
CA GLN A 42 6.21 -6.65 9.69
C GLN A 42 4.77 -6.20 9.45
N VAL A 43 3.90 -6.29 10.47
CA VAL A 43 2.55 -5.76 10.38
C VAL A 43 2.58 -4.23 10.34
N ASP A 44 3.46 -3.63 11.14
CA ASP A 44 3.70 -2.19 11.10
C ASP A 44 4.09 -1.76 9.70
N ASN A 45 5.01 -2.50 9.08
CA ASN A 45 5.43 -2.18 7.72
C ASN A 45 4.27 -2.32 6.75
N ALA A 46 3.47 -3.37 6.91
CA ALA A 46 2.31 -3.55 6.04
C ALA A 46 1.35 -2.38 6.14
N MET A 47 1.02 -1.96 7.36
CA MET A 47 0.11 -0.83 7.53
C MET A 47 0.69 0.45 6.94
N GLN A 48 2.01 0.63 7.05
CA GLN A 48 2.62 1.82 6.48
C GLN A 48 2.50 1.83 4.96
N LEU A 49 2.64 0.66 4.33
CA LEU A 49 2.52 0.61 2.87
C LEU A 49 1.08 0.89 2.44
N PHE A 50 0.12 0.37 3.19
CA PHE A 50 -1.28 0.67 2.94
C PHE A 50 -1.53 2.18 2.99
N PHE A 51 -1.09 2.82 4.05
CA PHE A 51 -1.34 4.25 4.17
C PHE A 51 -0.47 5.06 3.23
N ASP A 52 0.72 4.54 2.86
CA ASP A 52 1.53 5.23 1.86
C ASP A 52 0.77 5.39 0.57
N GLY A 53 0.06 4.33 0.15
CA GLY A 53 -0.71 4.42 -1.08
C GLY A 53 -1.80 5.47 -0.99
N ILE A 54 -2.41 5.60 0.20
CA ILE A 54 -3.44 6.61 0.41
C ILE A 54 -2.83 8.01 0.38
N THR A 55 -1.71 8.19 1.09
CA THR A 55 -0.98 9.47 1.08
C THR A 55 -0.67 9.90 -0.34
N GLN A 56 -0.17 8.96 -1.14
CA GLN A 56 0.20 9.30 -2.51
C GLN A 56 -1.04 9.69 -3.33
N ASN A 57 -2.17 9.03 -3.08
CA ASN A 57 -3.36 9.41 -3.83
C ASN A 57 -3.93 10.75 -3.36
N VAL A 58 -3.79 11.10 -2.08
CA VAL A 58 -4.17 12.45 -1.63
C VAL A 58 -3.32 13.48 -2.36
N ASN A 59 -2.01 13.21 -2.48
CA ASN A 59 -1.11 14.13 -3.18
C ASN A 59 -1.45 14.26 -4.66
N TYR A 60 -1.91 13.17 -5.29
CA TYR A 60 -2.39 13.27 -6.67
C TYR A 60 -3.62 14.15 -6.75
N ILE A 61 -4.59 13.94 -5.86
CA ILE A 61 -5.82 14.75 -5.88
C ILE A 61 -5.47 16.22 -5.67
N ALA A 62 -4.58 16.50 -4.71
CA ALA A 62 -4.25 17.86 -4.33
C ALA A 62 -3.65 18.65 -5.49
N ALA A 63 -2.94 17.99 -6.39
CA ALA A 63 -2.34 18.66 -7.52
C ALA A 63 -3.25 18.69 -8.74
N HIS A 64 -4.42 18.09 -8.67
CA HIS A 64 -5.31 18.04 -9.82
C HIS A 64 -5.88 19.43 -10.14
N PRO A 65 -6.00 19.78 -11.41
CA PRO A 65 -6.48 21.14 -11.78
C PRO A 65 -7.84 21.51 -11.22
N LEU A 66 -8.76 20.55 -11.06
CA LEU A 66 -10.06 20.87 -10.49
C LEU A 66 -9.97 21.18 -9.02
N ILE A 67 -8.89 20.75 -8.37
CA ILE A 67 -8.79 20.80 -6.91
C ILE A 67 -7.82 21.92 -6.55
N ALA A 68 -6.61 21.87 -7.10
CA ALA A 68 -5.66 22.97 -6.91
C ALA A 68 -6.20 24.28 -7.48
N GLY A 69 -7.05 24.22 -8.49
CA GLY A 69 -7.62 25.38 -9.11
C GLY A 69 -9.03 25.68 -8.68
N ALA A 70 -9.50 25.06 -7.61
CA ALA A 70 -10.88 25.27 -7.14
C ALA A 70 -11.12 26.72 -6.72
N GLY A 71 -12.32 27.22 -7.05
CA GLY A 71 -12.76 28.55 -6.69
C GLY A 71 -14.00 28.53 -5.82
N ASP A 72 -14.90 29.48 -5.99
CA ASP A 72 -15.98 29.67 -5.03
C ASP A 72 -17.30 29.04 -5.45
N ASP A 73 -17.28 28.12 -6.42
CA ASP A 73 -18.49 27.61 -7.05
C ASP A 73 -18.81 26.16 -6.71
N PHE A 74 -18.27 25.63 -5.61
CA PHE A 74 -18.67 24.29 -5.18
C PHE A 74 -19.90 24.39 -4.26
N ARG A 75 -20.66 23.30 -4.19
CA ARG A 75 -21.87 23.33 -3.36
C ARG A 75 -21.53 23.53 -1.89
N ASN A 76 -22.42 24.23 -1.20
CA ASN A 76 -22.25 24.55 0.20
C ASN A 76 -23.41 23.92 0.94
N TYR A 77 -23.12 23.07 1.92
CA TYR A 77 -24.14 22.31 2.63
C TYR A 77 -24.36 22.80 4.05
N MET A 78 -23.97 24.05 4.36
CA MET A 78 -24.01 24.53 5.75
C MET A 78 -25.42 24.76 6.23
N GLY A 79 -26.38 24.93 5.33
CA GLY A 79 -27.75 25.13 5.73
C GLY A 79 -28.68 24.00 5.36
N ALA A 80 -29.97 24.35 5.21
CA ALA A 80 -31.02 23.35 5.07
C ALA A 80 -30.96 22.65 3.72
N VAL A 81 -30.55 23.37 2.68
CA VAL A 81 -30.52 22.85 1.31
C VAL A 81 -29.21 23.27 0.69
N ALA A 82 -28.62 22.38 -0.10
CA ALA A 82 -27.36 22.72 -0.76
C ALA A 82 -27.54 23.89 -1.71
N THR A 83 -26.49 24.70 -1.88
CA THR A 83 -26.46 25.69 -2.94
C THR A 83 -26.43 24.98 -4.31
N ALA A 84 -26.55 25.75 -5.37
CA ALA A 84 -26.71 25.18 -6.70
C ALA A 84 -25.42 24.52 -7.19
N GLN A 85 -25.56 23.42 -7.93
CA GLN A 85 -24.41 22.65 -8.40
C GLN A 85 -23.88 23.21 -9.70
N SER A 86 -22.61 23.58 -9.71
CA SER A 86 -21.94 24.12 -10.90
C SER A 86 -21.32 22.99 -11.71
N GLU A 87 -20.92 23.32 -12.94
CA GLU A 87 -20.21 22.33 -13.75
C GLU A 87 -18.90 21.89 -13.09
N ASN A 88 -18.18 22.82 -12.46
CA ASN A 88 -16.93 22.43 -11.80
C ASN A 88 -17.20 21.50 -10.62
N ASP A 89 -18.29 21.71 -9.88
CA ASP A 89 -18.66 20.81 -8.80
C ASP A 89 -18.97 19.42 -9.35
N LYS A 90 -19.72 19.36 -10.44
CA LYS A 90 -20.01 18.06 -11.06
C LYS A 90 -18.73 17.34 -11.45
N GLN A 91 -17.78 18.05 -12.06
CA GLN A 91 -16.56 17.42 -12.52
C GLN A 91 -15.68 16.96 -11.36
N ALA A 92 -15.59 17.76 -10.30
CA ALA A 92 -14.80 17.34 -9.15
C ALA A 92 -15.45 16.15 -8.44
N THR A 93 -16.78 16.15 -8.32
CA THR A 93 -17.47 15.02 -7.71
C THR A 93 -17.20 13.74 -8.50
N GLU A 94 -17.24 13.85 -9.83
CA GLU A 94 -17.01 12.69 -10.67
C GLU A 94 -15.56 12.21 -10.59
N LEU A 95 -14.62 13.15 -10.48
CA LEU A 95 -13.23 12.77 -10.23
C LEU A 95 -13.13 11.93 -8.97
N PHE A 96 -13.72 12.39 -7.87
CA PHE A 96 -13.62 11.65 -6.64
C PHE A 96 -14.35 10.31 -6.73
N ALA A 97 -15.51 10.30 -7.40
CA ALA A 97 -16.27 9.07 -7.56
C ALA A 97 -15.46 8.01 -8.30
N SER A 98 -14.72 8.44 -9.33
CA SER A 98 -13.94 7.50 -10.12
CA SER A 98 -13.93 7.52 -10.12
C SER A 98 -12.76 6.97 -9.32
N ILE A 99 -12.15 7.81 -8.47
CA ILE A 99 -11.07 7.34 -7.63
C ILE A 99 -11.60 6.33 -6.61
N ALA A 100 -12.74 6.64 -5.98
CA ALA A 100 -13.31 5.75 -4.98
C ALA A 100 -13.71 4.41 -5.59
N LYS A 101 -14.23 4.45 -6.81
CA LYS A 101 -14.66 3.21 -7.47
C LYS A 101 -13.49 2.24 -7.62
N ALA A 102 -12.31 2.77 -7.94
CA ALA A 102 -11.13 1.93 -8.11
C ALA A 102 -10.49 1.51 -6.79
N HIS A 103 -10.88 2.10 -5.66
CA HIS A 103 -10.27 1.83 -4.36
C HIS A 103 -11.36 1.51 -3.35
N PRO A 104 -11.87 0.27 -3.34
CA PRO A 104 -12.98 -0.06 -2.43
C PRO A 104 -12.64 0.04 -0.95
N ALA A 105 -11.36 0.10 -0.57
CA ALA A 105 -11.08 0.28 0.85
C ALA A 105 -11.28 1.71 1.33
N TYR A 106 -11.48 2.66 0.42
CA TYR A 106 -11.75 4.03 0.81
C TYR A 106 -13.22 4.18 1.20
N SER A 107 -13.50 4.70 2.40
CA SER A 107 -14.89 4.98 2.76
C SER A 107 -15.43 6.24 2.12
N TYR A 108 -14.64 7.31 2.11
CA TYR A 108 -15.03 8.60 1.56
C TYR A 108 -13.80 9.23 0.94
N VAL A 109 -14.02 10.00 -0.13
CA VAL A 109 -13.02 10.93 -0.66
C VAL A 109 -13.69 12.31 -0.69
N SER A 110 -13.03 13.32 -0.10
CA SER A 110 -13.71 14.60 -0.02
C SER A 110 -12.71 15.75 0.03
N TYR A 111 -13.26 16.97 -0.04
CA TYR A 111 -12.46 18.19 -0.16
C TYR A 111 -13.30 19.29 0.46
N GLY A 112 -12.84 19.86 1.59
CA GLY A 112 -13.55 20.96 2.24
C GLY A 112 -12.76 22.26 2.07
N LEU A 113 -13.47 23.35 1.78
CA LEU A 113 -12.82 24.61 1.41
C LEU A 113 -13.06 25.66 2.49
N ILE A 114 -12.24 26.71 2.46
CA ILE A 114 -12.32 27.74 3.49
C ILE A 114 -13.58 28.57 3.44
N ASN A 115 -14.39 28.46 2.40
CA ASN A 115 -15.70 29.12 2.38
C ASN A 115 -16.82 28.19 2.83
N GLY A 116 -16.47 27.03 3.35
CA GLY A 116 -17.44 26.07 3.82
C GLY A 116 -18.00 25.13 2.77
N SER A 117 -17.62 25.31 1.50
CA SER A 117 -18.08 24.40 0.47
C SER A 117 -17.33 23.06 0.57
N TYR A 118 -17.88 22.06 -0.13
CA TYR A 118 -17.48 20.68 0.09
C TYR A 118 -17.76 19.85 -1.15
N ILE A 119 -16.81 19.00 -1.56
CA ILE A 119 -17.01 17.93 -2.54
C ILE A 119 -16.86 16.59 -1.83
N MET A 120 -17.73 15.62 -2.13
CA MET A 120 -17.71 14.34 -1.40
C MET A 120 -18.13 13.22 -2.31
N THR A 121 -17.49 12.06 -2.18
CA THR A 121 -18.06 10.81 -2.65
C THR A 121 -18.03 9.80 -1.50
N PRO A 122 -19.05 8.93 -1.38
CA PRO A 122 -20.31 8.88 -2.12
C PRO A 122 -21.10 10.18 -2.02
N GLU A 123 -21.57 10.68 -3.15
CA GLU A 123 -22.19 11.99 -3.22
C GLU A 123 -23.47 12.00 -2.39
N ASP A 124 -23.75 13.13 -1.73
CA ASP A 124 -24.99 13.30 -0.99
C ASP A 124 -25.59 14.67 -1.32
N PRO A 125 -26.34 14.76 -2.41
CA PRO A 125 -26.87 16.06 -2.82
C PRO A 125 -27.79 16.68 -1.81
N LYS A 126 -28.29 15.90 -0.85
CA LYS A 126 -29.27 16.39 0.12
CA LYS A 126 -29.28 16.31 0.14
C LYS A 126 -28.67 16.61 1.50
N MET A 127 -27.34 16.58 1.62
CA MET A 127 -26.73 16.80 2.93
C MET A 127 -27.06 18.20 3.44
N SER A 128 -27.16 18.35 4.76
CA SER A 128 -27.59 19.61 5.36
C SER A 128 -26.83 19.88 6.66
N ASN A 129 -26.71 21.18 6.99
CA ASN A 129 -26.15 21.61 8.28
C ASN A 129 -24.76 21.03 8.51
N TYR A 130 -23.95 21.08 7.45
CA TYR A 130 -22.61 20.52 7.46
C TYR A 130 -21.59 21.59 7.07
N ASP A 131 -20.63 21.83 7.94
CA ASP A 131 -19.53 22.76 7.65
C ASP A 131 -18.24 21.99 7.82
N PRO A 132 -17.49 21.73 6.75
CA PRO A 132 -16.26 20.94 6.91
C PRO A 132 -15.25 21.63 7.82
N ARG A 133 -15.31 22.96 7.93
CA ARG A 133 -14.28 23.70 8.61
C ARG A 133 -14.29 23.48 10.13
N VAL A 134 -15.39 22.96 10.68
CA VAL A 134 -15.45 22.70 12.11
C VAL A 134 -15.05 21.27 12.47
N ARG A 135 -14.69 20.44 11.47
CA ARG A 135 -14.47 19.02 11.70
C ARG A 135 -13.02 18.77 12.11
N PRO A 136 -12.79 17.74 12.92
CA PRO A 136 -11.43 17.55 13.44
C PRO A 136 -10.40 17.26 12.37
N TRP A 137 -10.76 16.53 11.31
CA TRP A 137 -9.79 16.28 10.23
C TRP A 137 -9.36 17.58 9.56
N TYR A 138 -10.28 18.53 9.43
CA TYR A 138 -9.95 19.78 8.76
C TYR A 138 -8.98 20.60 9.62
N LYS A 139 -9.29 20.72 10.91
CA LYS A 139 -8.42 21.47 11.81
C LYS A 139 -7.02 20.87 11.89
N THR A 140 -6.93 19.53 11.90
CA THR A 140 -5.64 18.86 11.90
C THR A 140 -4.85 19.20 10.65
N ALA A 141 -5.49 19.18 9.49
CA ALA A 141 -4.76 19.49 8.27
C ALA A 141 -4.26 20.93 8.28
N MET A 142 -5.11 21.85 8.75
CA MET A 142 -4.72 23.27 8.74
C MET A 142 -3.55 23.51 9.68
N ALA A 143 -3.50 22.78 10.80
CA ALA A 143 -2.39 22.89 11.71
C ALA A 143 -1.11 22.35 11.11
N ASN A 144 -1.21 21.54 10.06
CA ASN A 144 -0.08 20.90 9.41
C ASN A 144 0.02 21.29 7.95
N ALA A 145 -0.31 22.55 7.63
CA ALA A 145 -0.54 22.91 6.24
C ALA A 145 0.67 22.60 5.38
N GLY A 146 0.41 22.06 4.17
CA GLY A 146 1.47 21.73 3.25
C GLY A 146 2.09 20.38 3.45
N LYS A 147 1.67 19.64 4.48
CA LYS A 147 2.09 18.28 4.71
C LYS A 147 0.87 17.38 4.71
N THR A 148 1.05 16.16 4.21
CA THR A 148 -0.02 15.17 4.22
C THR A 148 0.12 14.31 5.47
N VAL A 149 -0.92 14.30 6.32
CA VAL A 149 -0.83 13.68 7.64
C VAL A 149 -2.11 12.87 7.87
N ARG A 150 -2.11 12.11 8.97
CA ARG A 150 -3.31 11.36 9.35
C ARG A 150 -3.99 12.03 10.53
N SER A 151 -5.31 11.94 10.56
CA SER A 151 -6.08 12.46 11.67
C SER A 151 -6.10 11.46 12.83
N ASP A 152 -6.47 11.95 14.02
CA ASP A 152 -6.96 11.04 15.04
C ASP A 152 -8.27 10.42 14.58
N ALA A 153 -8.57 9.23 15.10
CA ALA A 153 -9.84 8.60 14.77
C ALA A 153 -10.99 9.48 15.26
N TYR A 154 -12.05 9.56 14.47
CA TYR A 154 -13.18 10.42 14.88
C TYR A 154 -14.47 9.79 14.40
N TYR A 155 -15.59 10.25 14.96
CA TYR A 155 -16.90 9.69 14.66
C TYR A 155 -17.63 10.54 13.63
N TRP A 156 -18.28 9.85 12.69
CA TRP A 156 -19.12 10.48 11.68
C TRP A 156 -20.54 9.98 11.92
N ALA A 157 -21.39 10.85 12.49
CA ALA A 157 -22.71 10.41 12.96
C ALA A 157 -23.61 9.98 11.82
N ASN A 158 -23.57 10.71 10.69
CA ASN A 158 -24.50 10.47 9.59
C ASN A 158 -24.58 9.01 9.17
N ASP A 159 -23.45 8.30 9.24
CA ASP A 159 -23.43 6.88 8.85
C ASP A 159 -22.86 6.02 9.97
N ASP A 160 -22.79 6.55 11.18
CA ASP A 160 -22.42 5.80 12.38
C ASP A 160 -21.06 5.11 12.18
N ALA A 161 -20.07 5.91 11.79
CA ALA A 161 -18.78 5.38 11.34
C ALA A 161 -17.64 6.01 12.11
N VAL A 162 -16.67 5.21 12.54
CA VAL A 162 -15.42 5.71 13.09
C VAL A 162 -14.39 5.68 11.96
N LEU A 163 -13.75 6.82 11.71
CA LEU A 163 -12.91 7.00 10.53
C LEU A 163 -11.53 7.49 10.94
N VAL A 164 -10.54 7.18 10.10
CA VAL A 164 -9.22 7.79 10.17
C VAL A 164 -8.99 8.46 8.82
N SER A 165 -8.72 9.76 8.82
CA SER A 165 -8.49 10.52 7.60
C SER A 165 -7.01 10.65 7.28
N THR A 166 -6.71 10.67 5.99
CA THR A 166 -5.43 11.13 5.46
C THR A 166 -5.72 12.46 4.77
N ILE A 167 -5.08 13.54 5.23
CA ILE A 167 -5.52 14.88 4.85
C ILE A 167 -4.33 15.73 4.42
N ARG A 168 -4.62 16.72 3.59
CA ARG A 168 -3.61 17.71 3.19
C ARG A 168 -4.30 19.05 2.97
N ALA A 169 -3.87 20.08 3.71
CA ALA A 169 -4.33 21.42 3.42
C ALA A 169 -3.52 22.01 2.26
N ILE A 170 -4.22 22.63 1.30
CA ILE A 170 -3.60 23.04 0.04
C ILE A 170 -4.07 24.43 -0.34
N PRO A 171 -3.28 25.13 -1.16
CA PRO A 171 -3.77 26.36 -1.78
C PRO A 171 -4.79 26.09 -2.87
N ASN A 172 -5.68 27.06 -3.07
CA ASN A 172 -6.52 27.11 -4.27
C ASN A 172 -6.85 28.59 -4.56
N LYS A 173 -7.85 28.83 -5.41
CA LYS A 173 -8.15 30.20 -5.80
C LYS A 173 -8.75 31.00 -4.65
N LEU A 174 -9.24 30.34 -3.60
CA LEU A 174 -9.86 31.07 -2.48
C LEU A 174 -8.84 31.61 -1.49
N GLY A 175 -7.66 31.05 -1.45
CA GLY A 175 -6.69 31.43 -0.44
C GLY A 175 -5.59 30.40 -0.33
N ASN A 176 -4.65 30.72 0.55
CA ASN A 176 -3.51 29.84 0.81
C ASN A 176 -3.24 29.80 2.31
N PRO A 177 -3.75 28.78 3.01
CA PRO A 177 -4.45 27.60 2.48
C PRO A 177 -5.90 27.89 2.07
N GLY A 178 -6.43 27.08 1.14
CA GLY A 178 -7.76 27.28 0.62
C GLY A 178 -8.70 26.13 0.88
N GLY A 179 -8.18 24.98 1.30
CA GLY A 179 -9.04 23.83 1.49
C GLY A 179 -8.23 22.63 1.92
N VAL A 180 -8.93 21.51 2.16
CA VAL A 180 -8.31 20.33 2.72
C VAL A 180 -8.84 19.11 1.97
N VAL A 181 -7.94 18.35 1.35
CA VAL A 181 -8.29 17.08 0.72
C VAL A 181 -8.25 15.97 1.76
N ASN A 182 -9.19 15.01 1.67
CA ASN A 182 -9.37 13.99 2.71
C ASN A 182 -9.77 12.65 2.07
N ILE A 183 -8.96 11.61 2.26
CA ILE A 183 -9.39 10.22 2.01
C ILE A 183 -9.60 9.55 3.36
N ASP A 184 -10.83 9.05 3.61
CA ASP A 184 -11.25 8.45 4.87
C ASP A 184 -11.22 6.92 4.76
N VAL A 185 -10.66 6.24 5.79
CA VAL A 185 -10.82 4.79 5.93
C VAL A 185 -11.51 4.49 7.26
N SER A 186 -12.28 3.41 7.30
CA SER A 186 -12.98 3.04 8.52
C SER A 186 -12.12 2.12 9.40
N LEU A 187 -12.45 2.06 10.70
CA LEU A 187 -11.77 1.11 11.57
C LEU A 187 -11.90 -0.31 11.06
N LYS A 188 -12.95 -0.58 10.27
CA LYS A 188 -13.13 -1.90 9.68
C LYS A 188 -11.94 -2.30 8.82
N GLN A 189 -11.38 -1.35 8.06
CA GLN A 189 -10.22 -1.69 7.24
C GLN A 189 -9.01 -1.99 8.10
N LEU A 190 -8.84 -1.28 9.20
CA LEU A 190 -7.68 -1.56 10.05
C LEU A 190 -7.83 -2.92 10.72
N THR A 191 -9.05 -3.26 11.13
CA THR A 191 -9.30 -4.56 11.76
C THR A 191 -8.94 -5.71 10.83
N ASN A 192 -9.13 -5.52 9.53
CA ASN A 192 -8.77 -6.55 8.55
C ASN A 192 -7.29 -6.89 8.61
N ILE A 193 -6.43 -5.87 8.68
CA ILE A 193 -5.00 -6.14 8.73
C ILE A 193 -4.61 -6.73 10.08
N VAL A 194 -5.24 -6.26 11.18
CA VAL A 194 -4.83 -6.64 12.52
C VAL A 194 -5.40 -8.00 12.93
N LYS A 195 -6.64 -8.29 12.54
CA LYS A 195 -7.31 -9.50 13.00
C LYS A 195 -6.62 -10.76 12.49
N GLN A 196 -5.75 -10.62 11.48
CA GLN A 196 -5.07 -11.77 10.89
C GLN A 196 -4.07 -12.38 11.86
N ILE A 197 -3.46 -11.57 12.70
CA ILE A 197 -2.29 -11.97 13.46
C ILE A 197 -2.73 -12.82 14.64
N LYS A 198 -2.22 -14.05 14.71
CA LYS A 198 -2.49 -14.96 15.81
C LYS A 198 -1.18 -15.25 16.52
N LEU A 199 -1.08 -14.84 17.77
CA LEU A 199 0.10 -15.11 18.59
C LEU A 199 -0.15 -16.44 19.30
N GLY A 200 0.48 -17.50 18.81
CA GLY A 200 0.17 -18.82 19.35
C GLY A 200 -1.25 -19.22 19.00
N GLU A 201 -1.92 -19.86 19.95
CA GLU A 201 -3.30 -20.26 19.77
C GLU A 201 -4.29 -19.36 20.48
N SER A 202 -3.85 -18.58 21.47
CA SER A 202 -4.72 -17.68 22.20
C SER A 202 -4.41 -16.22 21.99
N GLY A 203 -3.26 -15.89 21.42
CA GLY A 203 -2.82 -14.51 21.42
C GLY A 203 -3.39 -13.70 20.28
N TYR A 204 -3.25 -12.39 20.40
CA TYR A 204 -3.81 -11.48 19.41
C TYR A 204 -3.15 -10.11 19.55
N LEU A 205 -3.51 -9.21 18.65
CA LEU A 205 -2.86 -7.91 18.51
C LEU A 205 -3.89 -6.80 18.67
N MET A 206 -3.64 -5.84 19.56
CA MET A 206 -4.43 -4.63 19.67
C MET A 206 -3.68 -3.48 19.03
N LEU A 207 -4.44 -2.50 18.55
CA LEU A 207 -3.86 -1.31 17.94
C LEU A 207 -4.45 -0.09 18.62
N MET A 208 -3.60 0.82 19.11
CA MET A 208 -4.03 2.01 19.84
C MET A 208 -3.36 3.26 19.30
N GLU A 209 -4.06 4.40 19.40
CA GLU A 209 -3.38 5.67 19.25
C GLU A 209 -2.51 5.93 20.49
N LYS A 210 -1.46 6.74 20.33
CA LYS A 210 -0.63 7.11 21.49
C LYS A 210 -1.47 7.73 22.60
N ASN A 211 -2.52 8.47 22.25
CA ASN A 211 -3.38 9.10 23.25
C ASN A 211 -4.25 8.10 24.00
N GLY A 212 -4.17 6.81 23.69
CA GLY A 212 -4.91 5.81 24.42
C GLY A 212 -6.17 5.30 23.74
N THR A 213 -6.62 5.94 22.67
CA THR A 213 -7.82 5.47 21.99
C THR A 213 -7.56 4.13 21.32
N VAL A 214 -8.44 3.17 21.56
CA VAL A 214 -8.32 1.86 20.92
C VAL A 214 -8.82 1.97 19.49
N LEU A 215 -7.98 1.57 18.53
CA LEU A 215 -8.39 1.51 17.14
C LEU A 215 -8.93 0.14 16.77
N VAL A 216 -8.25 -0.93 17.21
CA VAL A 216 -8.65 -2.30 16.92
C VAL A 216 -8.42 -3.13 18.17
N ASP A 217 -9.50 -3.69 18.71
CA ASP A 217 -9.42 -4.84 19.61
C ASP A 217 -10.17 -5.94 18.87
N PRO A 218 -9.45 -6.90 18.28
CA PRO A 218 -10.11 -7.92 17.46
C PRO A 218 -10.84 -8.97 18.27
N LYS A 219 -10.51 -9.10 19.55
CA LYS A 219 -11.21 -10.08 20.39
C LYS A 219 -12.46 -9.48 21.02
N GLN A 220 -12.38 -8.25 21.51
CA GLN A 220 -13.50 -7.55 22.14
C GLN A 220 -13.68 -6.22 21.42
N PRO A 221 -14.36 -6.22 20.26
CA PRO A 221 -14.51 -4.98 19.49
C PRO A 221 -15.35 -3.93 20.18
N GLU A 222 -16.03 -4.26 21.29
CA GLU A 222 -16.70 -3.25 22.08
C GLU A 222 -15.71 -2.23 22.65
N HIS A 223 -14.43 -2.57 22.66
CA HIS A 223 -13.41 -1.64 23.11
C HIS A 223 -13.04 -0.61 22.05
N ASN A 224 -13.45 -0.81 20.80
CA ASN A 224 -13.04 0.09 19.73
C ASN A 224 -13.52 1.50 20.02
N PHE A 225 -12.63 2.47 19.80
CA PHE A 225 -12.88 3.90 19.97
C PHE A 225 -13.12 4.29 21.42
N LYS A 226 -12.68 3.47 22.36
CA LYS A 226 -12.66 3.81 23.78
C LYS A 226 -11.22 4.03 24.23
N LYS A 227 -11.07 4.69 25.36
CA LYS A 227 -9.73 4.96 25.89
C LYS A 227 -9.26 3.76 26.72
N LEU A 228 -8.02 3.34 26.46
CA LEU A 228 -7.45 2.18 27.16
C LEU A 228 -7.48 2.39 28.67
N GLY A 229 -7.11 3.58 29.14
CA GLY A 229 -7.09 3.90 30.55
C GLY A 229 -8.47 3.97 31.21
N GLU A 230 -9.54 3.86 30.43
CA GLU A 230 -10.90 3.85 30.98
C GLU A 230 -11.57 2.49 30.85
N LEU A 231 -10.89 1.48 30.33
CA LEU A 231 -11.51 0.18 30.23
C LEU A 231 -11.38 -0.58 31.55
N GLY A 232 -12.20 -1.60 31.72
CA GLY A 232 -12.14 -2.46 32.87
C GLY A 232 -11.28 -3.69 32.61
N ASP A 233 -11.32 -4.61 33.56
CA ASP A 233 -10.72 -5.94 33.45
C ASP A 233 -9.20 -5.92 33.34
N GLY A 234 -8.54 -4.85 33.81
CA GLY A 234 -7.10 -4.78 33.79
C GLY A 234 -6.49 -4.07 32.60
N PHE A 235 -7.30 -3.69 31.61
CA PHE A 235 -6.77 -3.01 30.43
C PHE A 235 -6.20 -1.64 30.79
N ALA A 236 -6.70 -1.01 31.85
CA ALA A 236 -6.18 0.30 32.21
C ALA A 236 -4.69 0.25 32.57
N GLU A 237 -4.20 -0.90 33.06
CA GLU A 237 -2.79 -1.00 33.42
C GLU A 237 -1.89 -1.06 32.19
N LEU A 238 -2.42 -1.50 31.05
CA LEU A 238 -1.66 -1.44 29.80
C LEU A 238 -1.31 -0.01 29.43
N ALA A 239 -2.20 0.94 29.76
CA ALA A 239 -2.01 2.32 29.34
C ALA A 239 -0.75 2.94 29.93
N LYS A 240 -0.21 2.37 31.01
CA LYS A 240 0.95 2.97 31.66
C LYS A 240 2.27 2.61 31.00
N THR A 241 2.28 1.65 30.09
CA THR A 241 3.54 1.13 29.53
C THR A 241 3.75 1.70 28.13
N GLY A 242 4.90 2.32 27.92
CA GLY A 242 5.23 2.88 26.64
C GLY A 242 5.87 1.91 25.68
N SER A 243 6.53 0.86 26.19
CA SER A 243 7.27 -0.03 25.31
C SER A 243 7.65 -1.29 26.07
N GLY A 244 7.62 -2.43 25.38
CA GLY A 244 8.19 -3.65 25.91
C GLY A 244 7.22 -4.54 26.68
N LEU A 245 7.81 -5.44 27.46
CA LEU A 245 7.05 -6.51 28.13
C LEU A 245 6.30 -5.98 29.34
N VAL A 246 5.09 -6.48 29.53
CA VAL A 246 4.29 -6.25 30.71
C VAL A 246 3.72 -7.59 31.15
N GLU A 247 3.79 -7.89 32.44
CA GLU A 247 3.08 -9.03 33.00
C GLU A 247 1.88 -8.48 33.75
N LEU A 248 0.70 -9.04 33.49
CA LEU A 248 -0.51 -8.47 34.07
C LEU A 248 -1.66 -9.45 33.96
N THR A 249 -2.65 -9.26 34.83
CA THR A 249 -3.88 -10.01 34.75
C THR A 249 -4.88 -9.25 33.89
N LEU A 250 -5.49 -9.97 32.94
CA LEU A 250 -6.42 -9.38 31.99
C LEU A 250 -7.59 -10.34 31.84
N ASN A 251 -8.81 -9.82 31.98
CA ASN A 251 -10.03 -10.62 31.80
C ASN A 251 -9.98 -11.88 32.65
N GLY A 252 -9.51 -11.74 33.89
CA GLY A 252 -9.51 -12.83 34.84
C GLY A 252 -8.42 -13.86 34.65
N GLU A 253 -7.42 -13.58 33.80
CA GLU A 253 -6.38 -14.56 33.49
C GLU A 253 -5.03 -13.86 33.41
N ARG A 254 -3.97 -14.63 33.64
CA ARG A 254 -2.61 -14.11 33.57
C ARG A 254 -2.16 -13.99 32.12
N TYR A 255 -1.75 -12.77 31.74
CA TYR A 255 -1.32 -12.48 30.39
C TYR A 255 0.10 -11.93 30.38
N MET A 256 0.72 -11.98 29.21
CA MET A 256 1.89 -11.15 28.95
C MET A 256 1.56 -10.26 27.76
N ALA A 257 2.12 -9.06 27.77
CA ALA A 257 1.90 -8.08 26.72
C ALA A 257 3.24 -7.60 26.21
N ASN A 258 3.33 -7.34 24.90
CA ASN A 258 4.51 -6.71 24.33
C ASN A 258 4.02 -5.44 23.63
N VAL A 259 4.38 -4.30 24.18
CA VAL A 259 3.96 -3.01 23.65
C VAL A 259 4.99 -2.58 22.62
N TYR A 260 4.53 -2.38 21.38
CA TYR A 260 5.40 -2.12 20.23
C TYR A 260 4.99 -0.78 19.64
N PRO A 261 5.71 0.29 19.91
CA PRO A 261 5.37 1.58 19.29
C PRO A 261 5.77 1.60 17.83
N SER A 262 4.88 2.16 17.01
CA SER A 262 5.19 2.48 15.63
C SER A 262 5.51 3.97 15.59
N GLU A 263 6.78 4.31 15.41
CA GLU A 263 7.15 5.72 15.28
C GLU A 263 6.40 6.36 14.11
N GLN A 264 6.45 5.71 12.94
CA GLN A 264 5.95 6.36 11.73
C GLN A 264 4.43 6.43 11.71
N LEU A 265 3.73 5.43 12.27
CA LEU A 265 2.27 5.53 12.28
C LEU A 265 1.76 6.41 13.42
N GLY A 266 2.59 6.68 14.42
CA GLY A 266 2.09 7.38 15.58
C GLY A 266 1.11 6.58 16.39
N TRP A 267 1.16 5.25 16.29
CA TRP A 267 0.29 4.33 17.01
C TRP A 267 1.14 3.31 17.75
N ASN A 268 0.50 2.62 18.71
CA ASN A 268 1.11 1.51 19.44
C ASN A 268 0.40 0.21 19.11
N PHE A 269 1.17 -0.83 18.78
CA PHE A 269 0.64 -2.18 18.75
C PHE A 269 0.89 -2.80 20.12
N ILE A 270 -0.06 -3.61 20.60
CA ILE A 270 0.17 -4.43 21.81
C ILE A 270 -0.11 -5.89 21.46
N GLY A 271 0.89 -6.75 21.61
CA GLY A 271 0.71 -8.17 21.40
C GLY A 271 0.40 -8.78 22.76
N LEU A 272 -0.68 -9.57 22.80
CA LEU A 272 -1.19 -10.16 24.05
C LEU A 272 -1.21 -11.66 23.92
N ILE A 273 -0.79 -12.37 24.97
CA ILE A 273 -0.87 -13.82 24.99
C ILE A 273 -1.08 -14.30 26.43
N LYS A 274 -1.83 -15.39 26.57
CA LYS A 274 -1.98 -16.01 27.88
C LYS A 274 -0.65 -16.58 28.38
N GLN A 275 -0.36 -16.35 29.66
CA GLN A 275 0.87 -16.89 30.20
C GLN A 275 0.88 -18.41 30.12
N ASP A 276 -0.29 -19.03 30.30
CA ASP A 276 -0.41 -20.49 30.17
C ASP A 276 0.22 -20.96 28.88
N GLU A 277 -0.07 -20.27 27.78
CA GLU A 277 0.44 -20.67 26.47
C GLU A 277 1.95 -20.43 26.39
N VAL A 278 2.44 -19.32 26.97
CA VAL A 278 3.88 -19.05 26.93
C VAL A 278 4.66 -20.13 27.66
N MET A 279 4.16 -20.55 28.82
CA MET A 279 4.87 -21.51 29.65
C MET A 279 4.70 -22.95 29.18
N ALA A 280 4.11 -23.16 28.01
CA ALA A 280 3.94 -24.51 27.48
C ALA A 280 4.41 -24.55 26.03
N THR B 29 16.26 -25.46 14.69
CA THR B 29 16.16 -25.79 13.27
C THR B 29 14.71 -25.87 12.83
N SER B 30 13.92 -26.75 13.46
CA SER B 30 12.49 -26.75 13.18
C SER B 30 11.81 -25.54 13.77
N ASP B 31 12.35 -24.99 14.86
CA ASP B 31 11.85 -23.73 15.38
C ASP B 31 12.11 -22.58 14.40
N PHE B 32 13.26 -22.61 13.72
CA PHE B 32 13.57 -21.57 12.75
C PHE B 32 12.57 -21.55 11.61
N VAL B 33 12.21 -22.73 11.11
CA VAL B 33 11.20 -22.82 10.05
C VAL B 33 9.88 -22.22 10.53
N ASP B 34 9.47 -22.58 11.75
CA ASP B 34 8.20 -22.06 12.26
C ASP B 34 8.28 -20.56 12.53
N SER B 35 9.40 -20.09 13.09
CA SER B 35 9.52 -18.67 13.44
CA SER B 35 9.51 -18.68 13.44
C SER B 35 9.69 -17.81 12.20
N SER B 36 10.55 -18.23 11.28
CA SER B 36 10.77 -17.42 10.09
C SER B 36 9.51 -17.37 9.23
N GLY B 37 8.74 -18.47 9.20
CA GLY B 37 7.50 -18.48 8.44
C GLY B 37 6.48 -17.48 8.95
N ARG B 38 6.34 -17.34 10.27
CA ARG B 38 5.42 -16.37 10.81
CA ARG B 38 5.41 -16.36 10.79
C ARG B 38 5.80 -14.95 10.38
N GLU B 39 7.10 -14.65 10.36
CA GLU B 39 7.55 -13.34 9.92
C GLU B 39 7.32 -13.14 8.42
N ILE B 40 7.70 -14.12 7.61
CA ILE B 40 7.60 -13.97 6.16
C ILE B 40 6.15 -13.88 5.72
N ARG B 41 5.25 -14.58 6.41
CA ARG B 41 3.82 -14.46 6.11
C ARG B 41 3.39 -13.00 6.13
N GLN B 42 3.85 -12.23 7.12
CA GLN B 42 3.46 -10.84 7.19
C GLN B 42 4.23 -9.97 6.21
N VAL B 43 5.43 -10.41 5.79
CA VAL B 43 6.11 -9.73 4.69
C VAL B 43 5.34 -9.92 3.39
N ASP B 44 4.88 -11.15 3.14
CA ASP B 44 4.00 -11.44 2.01
C ASP B 44 2.81 -10.50 2.00
N ASN B 45 2.14 -10.36 3.16
CA ASN B 45 0.98 -9.48 3.22
CA ASN B 45 0.98 -9.48 3.22
C ASN B 45 1.36 -8.03 2.92
N ALA B 46 2.51 -7.59 3.40
CA ALA B 46 2.96 -6.22 3.16
C ALA B 46 3.21 -5.99 1.68
N MET B 47 3.88 -6.92 1.02
CA MET B 47 4.13 -6.78 -0.41
C MET B 47 2.83 -6.82 -1.19
N GLN B 48 1.87 -7.64 -0.75
CA GLN B 48 0.59 -7.66 -1.44
C GLN B 48 -0.10 -6.31 -1.35
N LEU B 49 -0.05 -5.66 -0.16
CA LEU B 49 -0.67 -4.34 -0.04
C LEU B 49 0.02 -3.31 -0.94
N PHE B 50 1.36 -3.35 -1.03
CA PHE B 50 2.07 -2.50 -1.97
C PHE B 50 1.56 -2.69 -3.39
N PHE B 51 1.51 -3.96 -3.86
CA PHE B 51 1.06 -4.19 -5.23
C PHE B 51 -0.43 -3.96 -5.38
N ASP B 52 -1.22 -4.18 -4.32
CA ASP B 52 -2.65 -3.88 -4.42
C ASP B 52 -2.88 -2.41 -4.74
N GLY B 53 -2.07 -1.51 -4.16
CA GLY B 53 -2.22 -0.11 -4.47
C GLY B 53 -1.99 0.17 -5.94
N ILE B 54 -1.04 -0.56 -6.54
CA ILE B 54 -0.74 -0.38 -7.97
C ILE B 54 -1.88 -0.93 -8.82
N THR B 55 -2.35 -2.13 -8.50
CA THR B 55 -3.50 -2.70 -9.19
C THR B 55 -4.67 -1.73 -9.20
N GLN B 56 -4.99 -1.15 -8.05
CA GLN B 56 -6.14 -0.25 -8.00
C GLN B 56 -5.94 0.98 -8.88
N ASN B 57 -4.72 1.53 -8.91
CA ASN B 57 -4.48 2.66 -9.79
C ASN B 57 -4.47 2.28 -11.27
N VAL B 58 -4.05 1.05 -11.62
CA VAL B 58 -4.24 0.59 -13.01
C VAL B 58 -5.72 0.60 -13.34
N ASN B 59 -6.55 0.12 -12.41
CA ASN B 59 -7.98 0.07 -12.67
C ASN B 59 -8.56 1.48 -12.78
N TYR B 60 -8.01 2.41 -12.01
CA TYR B 60 -8.42 3.81 -12.15
C TYR B 60 -8.09 4.34 -13.54
N ILE B 61 -6.85 4.13 -13.98
CA ILE B 61 -6.44 4.60 -15.30
C ILE B 61 -7.29 3.95 -16.39
N ALA B 62 -7.59 2.65 -16.24
CA ALA B 62 -8.35 1.92 -17.25
C ALA B 62 -9.70 2.55 -17.55
N ALA B 63 -10.34 3.12 -16.54
CA ALA B 63 -11.66 3.70 -16.73
C ALA B 63 -11.64 5.20 -17.03
N HIS B 64 -10.46 5.80 -17.14
CA HIS B 64 -10.39 7.23 -17.36
C HIS B 64 -10.85 7.58 -18.78
N PRO B 65 -11.60 8.68 -18.95
CA PRO B 65 -12.12 9.01 -20.29
C PRO B 65 -11.06 9.23 -21.36
N LEU B 66 -9.86 9.71 -21.02
CA LEU B 66 -8.84 9.86 -22.04
C LEU B 66 -8.31 8.50 -22.51
N ILE B 67 -8.50 7.48 -21.69
CA ILE B 67 -7.86 6.17 -21.87
C ILE B 67 -8.90 5.20 -22.42
N ALA B 68 -10.01 5.05 -21.69
CA ALA B 68 -11.12 4.23 -22.18
C ALA B 68 -11.75 4.83 -23.42
N GLY B 69 -11.59 6.14 -23.64
CA GLY B 69 -12.08 6.82 -24.82
C GLY B 69 -11.04 7.09 -25.88
N ALA B 70 -9.86 6.48 -25.76
CA ALA B 70 -8.78 6.76 -26.71
C ALA B 70 -9.12 6.22 -28.10
N GLY B 71 -8.67 6.95 -29.11
CA GLY B 71 -8.88 6.55 -30.50
C GLY B 71 -7.58 6.37 -31.25
N ASP B 72 -7.52 6.84 -32.49
CA ASP B 72 -6.40 6.48 -33.36
C ASP B 72 -5.36 7.59 -33.49
N ASP B 73 -5.35 8.57 -32.58
CA ASP B 73 -4.53 9.76 -32.73
C ASP B 73 -3.35 9.86 -31.75
N PHE B 74 -2.92 8.76 -31.12
CA PHE B 74 -1.75 8.86 -30.27
C PHE B 74 -0.47 8.66 -31.09
N ARG B 75 0.65 9.11 -30.54
CA ARG B 75 1.92 9.00 -31.26
C ARG B 75 2.32 7.54 -31.48
N ASN B 76 2.96 7.30 -32.61
CA ASN B 76 3.46 5.99 -32.98
C ASN B 76 4.98 6.09 -33.06
N TYR B 77 5.68 5.22 -32.32
CA TYR B 77 7.14 5.26 -32.27
C TYR B 77 7.79 4.10 -33.03
N MET B 78 7.07 3.48 -33.95
CA MET B 78 7.60 2.27 -34.59
C MET B 78 8.68 2.58 -35.60
N GLY B 79 8.69 3.80 -36.15
CA GLY B 79 9.69 4.20 -37.11
C GLY B 79 10.89 4.88 -36.48
N ALA B 80 11.76 5.42 -37.34
CA ALA B 80 12.94 6.09 -36.80
C ALA B 80 12.58 7.39 -36.09
N VAL B 81 11.46 8.02 -36.43
CA VAL B 81 11.04 9.26 -35.79
C VAL B 81 9.56 9.16 -35.44
N ALA B 82 9.22 9.61 -34.23
CA ALA B 82 7.83 9.52 -33.78
C ALA B 82 6.90 10.34 -34.67
N THR B 83 5.65 9.88 -34.81
CA THR B 83 4.67 10.69 -35.52
C THR B 83 4.30 11.93 -34.72
N ALA B 84 3.48 12.79 -35.34
CA ALA B 84 3.15 14.09 -34.77
C ALA B 84 2.27 13.94 -33.54
N GLN B 85 2.47 14.83 -32.56
CA GLN B 85 1.76 14.76 -31.30
C GLN B 85 0.44 15.52 -31.36
N SER B 86 -0.67 14.82 -31.11
CA SER B 86 -2.01 15.38 -31.08
C SER B 86 -2.33 15.95 -29.70
N GLU B 87 -3.45 16.68 -29.64
CA GLU B 87 -3.90 17.23 -28.37
C GLU B 87 -4.28 16.13 -27.38
N ASN B 88 -4.94 15.07 -27.87
CA ASN B 88 -5.31 13.98 -26.97
C ASN B 88 -4.07 13.28 -26.43
N ASP B 89 -3.05 13.10 -27.29
CA ASP B 89 -1.78 12.55 -26.84
C ASP B 89 -1.18 13.42 -25.73
N LYS B 90 -1.14 14.74 -25.94
CA LYS B 90 -0.64 15.66 -24.92
C LYS B 90 -1.39 15.49 -23.60
N GLN B 91 -2.72 15.42 -23.65
CA GLN B 91 -3.49 15.33 -22.41
C GLN B 91 -3.33 13.98 -21.72
N ALA B 92 -3.25 12.89 -22.48
CA ALA B 92 -3.03 11.58 -21.87
C ALA B 92 -1.64 11.51 -21.25
N THR B 93 -0.64 12.06 -21.92
CA THR B 93 0.71 12.05 -21.37
C THR B 93 0.76 12.84 -20.08
N GLU B 94 0.05 13.97 -20.04
CA GLU B 94 0.04 14.77 -18.81
C GLU B 94 -0.68 14.04 -17.68
N LEU B 95 -1.76 13.33 -18.00
CA LEU B 95 -2.41 12.50 -17.00
C LEU B 95 -1.43 11.53 -16.36
N PHE B 96 -0.72 10.78 -17.19
CA PHE B 96 0.24 9.81 -16.67
C PHE B 96 1.34 10.50 -15.88
N ALA B 97 1.83 11.65 -16.37
CA ALA B 97 2.90 12.34 -15.66
C ALA B 97 2.44 12.78 -14.27
N SER B 98 1.19 13.24 -14.16
CA SER B 98 0.67 13.66 -12.87
CA SER B 98 0.66 13.67 -12.86
C SER B 98 0.54 12.48 -11.91
N ILE B 99 0.12 11.33 -12.40
CA ILE B 99 0.05 10.14 -11.54
C ILE B 99 1.44 9.73 -11.09
N ALA B 100 2.39 9.69 -12.04
CA ALA B 100 3.74 9.29 -11.70
C ALA B 100 4.36 10.24 -10.69
N LYS B 101 4.07 11.53 -10.83
CA LYS B 101 4.66 12.51 -9.93
C LYS B 101 4.23 12.26 -8.49
N ALA B 102 2.97 11.87 -8.29
CA ALA B 102 2.46 11.58 -6.97
C ALA B 102 2.89 10.22 -6.43
N HIS B 103 3.44 9.35 -7.28
CA HIS B 103 3.84 7.99 -6.90
C HIS B 103 5.29 7.75 -7.31
N PRO B 104 6.24 8.16 -6.47
CA PRO B 104 7.67 8.02 -6.85
C PRO B 104 8.14 6.58 -7.00
N ALA B 105 7.46 5.59 -6.43
CA ALA B 105 7.91 4.21 -6.63
C ALA B 105 7.55 3.69 -8.02
N TYR B 106 6.73 4.40 -8.78
CA TYR B 106 6.38 3.97 -10.12
C TYR B 106 7.52 4.35 -11.06
N SER B 107 8.03 3.38 -11.82
CA SER B 107 9.12 3.73 -12.74
C SER B 107 8.57 4.29 -14.05
N TYR B 108 7.51 3.67 -14.58
CA TYR B 108 6.84 4.14 -15.77
C TYR B 108 5.34 3.94 -15.62
N VAL B 109 4.56 4.77 -16.32
CA VAL B 109 3.13 4.58 -16.48
C VAL B 109 2.89 4.67 -17.99
N SER B 110 2.24 3.65 -18.57
CA SER B 110 2.13 3.72 -20.03
C SER B 110 0.87 3.00 -20.52
N TYR B 111 0.64 3.12 -21.83
CA TYR B 111 -0.59 2.65 -22.45
C TYR B 111 -0.27 2.37 -23.90
N GLY B 112 -0.38 1.10 -24.32
CA GLY B 112 -0.14 0.72 -25.70
C GLY B 112 -1.45 0.30 -26.35
N LEU B 113 -1.61 0.57 -27.64
CA LEU B 113 -2.87 0.34 -28.31
C LEU B 113 -2.69 -0.62 -29.48
N ILE B 114 -3.82 -1.20 -29.93
CA ILE B 114 -3.76 -2.23 -30.96
C ILE B 114 -3.30 -1.72 -32.31
N ASN B 115 -3.24 -0.39 -32.52
CA ASN B 115 -2.67 0.15 -33.75
C ASN B 115 -1.18 0.47 -33.59
N GLY B 116 -0.58 0.05 -32.48
CA GLY B 116 0.83 0.25 -32.24
C GLY B 116 1.18 1.61 -31.65
N SER B 117 0.19 2.49 -31.41
CA SER B 117 0.50 3.76 -30.76
C SER B 117 0.71 3.55 -29.26
N TYR B 118 1.25 4.58 -28.60
CA TYR B 118 1.78 4.42 -27.24
C TYR B 118 1.82 5.76 -26.52
N ILE B 119 1.44 5.76 -25.24
CA ILE B 119 1.60 6.91 -24.34
C ILE B 119 2.52 6.48 -23.22
N MET B 120 3.46 7.34 -22.81
CA MET B 120 4.38 6.93 -21.75
C MET B 120 4.81 8.13 -20.91
N THR B 121 4.96 7.92 -19.59
CA THR B 121 5.75 8.80 -18.74
C THR B 121 6.80 7.97 -17.99
N PRO B 122 8.03 8.48 -17.82
CA PRO B 122 8.54 9.74 -18.38
C PRO B 122 8.56 9.75 -19.91
N GLU B 123 8.09 10.86 -20.46
CA GLU B 123 7.95 10.98 -21.91
C GLU B 123 9.31 10.92 -22.57
N ASP B 124 9.39 10.20 -23.69
CA ASP B 124 10.61 10.15 -24.50
C ASP B 124 10.23 10.49 -25.93
N PRO B 125 10.26 11.77 -26.28
CA PRO B 125 9.87 12.18 -27.65
C PRO B 125 10.77 11.63 -28.71
N LYS B 126 11.99 11.20 -28.36
CA LYS B 126 12.98 10.75 -29.33
C LYS B 126 12.99 9.25 -29.51
N MET B 127 12.14 8.52 -28.78
CA MET B 127 12.12 7.07 -28.87
C MET B 127 11.84 6.62 -30.31
N SER B 128 12.49 5.53 -30.71
CA SER B 128 12.31 5.02 -32.06
C SER B 128 12.33 3.50 -32.06
N ASN B 129 11.79 2.93 -33.14
CA ASN B 129 11.76 1.48 -33.34
C ASN B 129 11.09 0.76 -32.18
N TYR B 130 10.00 1.35 -31.66
CA TYR B 130 9.27 0.82 -30.53
C TYR B 130 7.84 0.48 -30.91
N ASP B 131 7.46 -0.78 -30.72
CA ASP B 131 6.07 -1.24 -30.88
C ASP B 131 5.65 -1.86 -29.56
N PRO B 132 4.67 -1.30 -28.82
CA PRO B 132 4.32 -1.92 -27.54
C PRO B 132 3.70 -3.30 -27.69
N ARG B 133 3.10 -3.60 -28.84
CA ARG B 133 2.37 -4.86 -29.01
C ARG B 133 3.28 -6.09 -28.97
N VAL B 134 4.59 -5.94 -29.20
CA VAL B 134 5.49 -7.09 -29.13
C VAL B 134 6.05 -7.29 -27.73
N ARG B 135 5.69 -6.43 -26.78
CA ARG B 135 6.38 -6.46 -25.50
C ARG B 135 5.69 -7.42 -24.54
N PRO B 136 6.45 -7.94 -23.58
CA PRO B 136 5.91 -8.99 -22.72
C PRO B 136 4.79 -8.52 -21.82
N TRP B 137 4.83 -7.30 -21.32
CA TRP B 137 3.73 -6.80 -20.49
C TRP B 137 2.43 -6.73 -21.29
N TYR B 138 2.53 -6.32 -22.55
CA TYR B 138 1.36 -6.19 -23.41
C TYR B 138 0.77 -7.57 -23.73
N LYS B 139 1.63 -8.50 -24.14
CA LYS B 139 1.15 -9.85 -24.44
C LYS B 139 0.59 -10.54 -23.20
N THR B 140 1.17 -10.30 -22.02
CA THR B 140 0.62 -10.89 -20.81
C THR B 140 -0.78 -10.37 -20.53
N ALA B 141 -1.01 -9.07 -20.71
CA ALA B 141 -2.34 -8.52 -20.47
C ALA B 141 -3.35 -9.12 -21.44
N MET B 142 -2.97 -9.20 -22.71
CA MET B 142 -3.90 -9.71 -23.71
C MET B 142 -4.27 -11.16 -23.43
N ALA B 143 -3.33 -11.92 -22.85
CA ALA B 143 -3.59 -13.30 -22.49
C ALA B 143 -4.43 -13.45 -21.22
N ASN B 144 -4.76 -12.35 -20.55
CA ASN B 144 -5.51 -12.38 -19.30
C ASN B 144 -6.64 -11.36 -19.34
N ALA B 145 -7.27 -11.21 -20.50
CA ALA B 145 -8.33 -10.23 -20.65
C ALA B 145 -9.43 -10.50 -19.62
N GLY B 146 -9.90 -9.43 -18.98
CA GLY B 146 -10.82 -9.52 -17.88
C GLY B 146 -10.17 -9.40 -16.51
N LYS B 147 -8.84 -9.42 -16.45
CA LYS B 147 -8.13 -9.41 -15.19
C LYS B 147 -7.02 -8.36 -15.22
N THR B 148 -6.72 -7.78 -14.07
CA THR B 148 -5.51 -6.99 -13.88
C THR B 148 -4.46 -7.90 -13.25
N VAL B 149 -3.32 -8.06 -13.93
CA VAL B 149 -2.33 -9.07 -13.54
C VAL B 149 -0.94 -8.44 -13.51
N ARG B 150 0.01 -9.18 -12.93
CA ARG B 150 1.42 -8.78 -12.97
C ARG B 150 2.17 -9.60 -14.01
N SER B 151 3.16 -8.97 -14.64
CA SER B 151 4.06 -9.68 -15.55
C SER B 151 5.19 -10.36 -14.78
N ASP B 152 5.81 -11.34 -15.43
CA ASP B 152 7.14 -11.75 -15.02
C ASP B 152 8.08 -10.54 -15.19
N ALA B 153 9.20 -10.57 -14.48
CA ALA B 153 10.20 -9.55 -14.68
C ALA B 153 10.70 -9.58 -16.13
N TYR B 154 10.92 -8.39 -16.71
CA TYR B 154 11.37 -8.31 -18.10
C TYR B 154 12.33 -7.14 -18.26
N TYR B 155 13.10 -7.17 -19.34
CA TYR B 155 14.18 -6.23 -19.56
C TYR B 155 13.73 -5.08 -20.47
N TRP B 156 14.08 -3.86 -20.08
CA TRP B 156 13.83 -2.66 -20.91
C TRP B 156 15.18 -2.06 -21.26
N ALA B 157 15.62 -2.24 -22.52
CA ALA B 157 17.00 -1.90 -22.84
C ALA B 157 17.27 -0.41 -22.84
N ASN B 158 16.25 0.43 -23.09
CA ASN B 158 16.55 1.86 -23.29
C ASN B 158 17.01 2.54 -22.03
N ASP B 159 16.69 2.01 -20.85
CA ASP B 159 17.18 2.51 -19.58
C ASP B 159 17.90 1.43 -18.79
N ASP B 160 18.22 0.28 -19.42
CA ASP B 160 18.88 -0.85 -18.75
C ASP B 160 18.17 -1.20 -17.44
N ALA B 161 16.85 -1.33 -17.53
CA ALA B 161 16.02 -1.54 -16.34
C ALA B 161 15.36 -2.91 -16.41
N VAL B 162 15.16 -3.53 -15.26
CA VAL B 162 14.36 -4.75 -15.20
C VAL B 162 13.08 -4.41 -14.44
N LEU B 163 11.94 -4.73 -15.03
CA LEU B 163 10.67 -4.19 -14.55
C LEU B 163 9.69 -5.31 -14.29
N VAL B 164 8.79 -5.06 -13.33
CA VAL B 164 7.62 -5.89 -13.12
C VAL B 164 6.42 -4.99 -13.39
N SER B 165 5.62 -5.35 -14.39
CA SER B 165 4.46 -4.55 -14.75
C SER B 165 3.20 -5.06 -14.08
N THR B 166 2.28 -4.14 -13.82
CA THR B 166 0.89 -4.44 -13.48
C THR B 166 0.06 -3.93 -14.65
N ILE B 167 -0.62 -4.84 -15.33
CA ILE B 167 -1.29 -4.43 -16.60
C ILE B 167 -2.74 -4.89 -16.66
N ARG B 168 -3.50 -4.23 -17.52
CA ARG B 168 -4.86 -4.63 -17.80
C ARG B 168 -5.18 -4.32 -19.25
N ALA B 169 -5.67 -5.32 -19.99
CA ALA B 169 -6.17 -5.04 -21.33
C ALA B 169 -7.57 -4.45 -21.23
N ILE B 170 -7.84 -3.41 -22.03
CA ILE B 170 -9.07 -2.61 -21.89
C ILE B 170 -9.68 -2.33 -23.24
N PRO B 171 -10.99 -2.10 -23.28
CA PRO B 171 -11.61 -1.57 -24.50
C PRO B 171 -11.32 -0.09 -24.67
N ASN B 172 -11.34 0.34 -25.94
CA ASN B 172 -11.33 1.77 -26.22
C ASN B 172 -12.08 1.96 -27.54
N LYS B 173 -11.86 3.09 -28.19
CA LYS B 173 -12.57 3.34 -29.44
C LYS B 173 -12.08 2.48 -30.59
N LEU B 174 -10.88 1.88 -30.48
CA LEU B 174 -10.34 1.07 -31.57
C LEU B 174 -10.83 -0.37 -31.54
N GLY B 175 -11.08 -0.92 -30.37
CA GLY B 175 -11.45 -2.33 -30.31
C GLY B 175 -11.72 -2.72 -28.88
N ASN B 176 -12.10 -3.98 -28.72
CA ASN B 176 -12.37 -4.58 -27.40
C ASN B 176 -11.77 -5.97 -27.38
N PRO B 177 -10.52 -6.12 -26.88
CA PRO B 177 -9.71 -5.05 -26.29
C PRO B 177 -9.04 -4.15 -27.33
N GLY B 178 -8.78 -2.91 -26.94
CA GLY B 178 -8.14 -1.92 -27.79
C GLY B 178 -6.75 -1.50 -27.35
N GLY B 179 -6.33 -1.93 -26.17
CA GLY B 179 -5.01 -1.56 -25.70
C GLY B 179 -4.78 -2.10 -24.30
N VAL B 180 -3.63 -1.73 -23.72
CA VAL B 180 -3.18 -2.26 -22.44
C VAL B 180 -2.58 -1.12 -21.63
N VAL B 181 -3.06 -0.96 -20.39
CA VAL B 181 -2.54 0.01 -19.42
C VAL B 181 -1.50 -0.68 -18.56
N ASN B 182 -0.42 0.03 -18.20
CA ASN B 182 0.77 -0.56 -17.57
C ASN B 182 1.35 0.41 -16.53
N ILE B 183 1.44 0.00 -15.27
CA ILE B 183 2.31 0.68 -14.31
C ILE B 183 3.47 -0.24 -14.01
N ASP B 184 4.71 0.24 -14.28
CA ASP B 184 5.94 -0.55 -14.12
C ASP B 184 6.65 -0.19 -12.82
N VAL B 185 7.16 -1.18 -12.11
CA VAL B 185 8.06 -0.97 -10.97
C VAL B 185 9.38 -1.68 -11.28
N SER B 186 10.50 -1.03 -10.99
CA SER B 186 11.78 -1.66 -11.32
C SER B 186 12.29 -2.54 -10.18
N LEU B 187 13.22 -3.44 -10.53
CA LEU B 187 13.84 -4.27 -9.49
C LEU B 187 14.65 -3.41 -8.55
N LYS B 188 15.20 -2.30 -9.03
CA LYS B 188 15.87 -1.38 -8.13
C LYS B 188 14.89 -0.83 -7.10
N GLN B 189 13.67 -0.48 -7.53
CA GLN B 189 12.66 0.00 -6.59
C GLN B 189 12.23 -1.11 -5.64
N LEU B 190 12.06 -2.33 -6.14
CA LEU B 190 11.72 -3.44 -5.26
C LEU B 190 12.86 -3.74 -4.28
N THR B 191 14.10 -3.61 -4.76
CA THR B 191 15.25 -3.84 -3.88
C THR B 191 15.27 -2.83 -2.75
N ASN B 192 14.94 -1.57 -3.04
CA ASN B 192 14.88 -0.56 -2.00
C ASN B 192 13.88 -0.95 -0.92
N ILE B 193 12.74 -1.53 -1.33
CA ILE B 193 11.73 -1.97 -0.37
C ILE B 193 12.24 -3.19 0.41
N VAL B 194 12.74 -4.21 -0.29
CA VAL B 194 13.11 -5.46 0.37
C VAL B 194 14.34 -5.27 1.24
N LYS B 195 15.23 -4.36 0.87
CA LYS B 195 16.45 -4.11 1.65
C LYS B 195 16.11 -3.75 3.08
N GLN B 196 15.02 -3.02 3.30
CA GLN B 196 14.65 -2.54 4.63
C GLN B 196 14.01 -3.61 5.50
N ILE B 197 13.72 -4.80 4.95
CA ILE B 197 13.01 -5.82 5.70
C ILE B 197 14.01 -6.66 6.47
N LYS B 198 13.87 -6.66 7.79
CA LYS B 198 14.74 -7.48 8.63
C LYS B 198 14.06 -8.81 8.91
N LEU B 199 14.87 -9.83 9.16
CA LEU B 199 14.37 -11.16 9.50
C LEU B 199 15.18 -11.68 10.68
N GLY B 200 14.49 -12.08 11.74
CA GLY B 200 15.24 -12.34 12.98
C GLY B 200 15.96 -11.10 13.43
N GLU B 201 17.19 -11.27 13.92
CA GLU B 201 17.97 -10.13 14.36
C GLU B 201 18.85 -9.55 13.27
N SER B 202 19.46 -10.41 12.44
CA SER B 202 20.37 -9.93 11.39
C SER B 202 20.07 -10.53 10.03
N GLY B 203 19.02 -11.33 9.90
CA GLY B 203 18.72 -11.97 8.63
C GLY B 203 18.11 -11.03 7.61
N TYR B 204 17.81 -11.60 6.44
CA TYR B 204 17.29 -10.82 5.32
C TYR B 204 16.49 -11.75 4.42
N LEU B 205 15.82 -11.17 3.44
CA LEU B 205 14.98 -11.95 2.52
C LEU B 205 15.48 -11.79 1.09
N MET B 206 15.47 -12.89 0.35
CA MET B 206 15.54 -12.83 -1.11
C MET B 206 14.13 -13.00 -1.69
N LEU B 207 13.92 -12.44 -2.87
CA LEU B 207 12.66 -12.61 -3.58
C LEU B 207 12.96 -13.27 -4.91
N MET B 208 12.22 -14.34 -5.22
CA MET B 208 12.51 -15.23 -6.37
C MET B 208 11.29 -15.46 -7.23
N GLU B 209 11.46 -15.48 -8.55
CA GLU B 209 10.43 -16.11 -9.36
C GLU B 209 10.55 -17.63 -9.27
N LYS B 210 9.44 -18.33 -9.58
CA LYS B 210 9.44 -19.79 -9.45
C LYS B 210 10.39 -20.46 -10.41
N ASN B 211 10.68 -19.83 -11.56
CA ASN B 211 11.59 -20.38 -12.54
C ASN B 211 13.05 -20.13 -12.16
N GLY B 212 13.33 -19.61 -10.98
CA GLY B 212 14.69 -19.42 -10.54
C GLY B 212 15.28 -18.07 -10.83
N THR B 213 14.56 -17.18 -11.51
CA THR B 213 15.08 -15.83 -11.75
C THR B 213 15.02 -15.03 -10.45
N VAL B 214 16.17 -14.46 -10.05
CA VAL B 214 16.22 -13.63 -8.85
C VAL B 214 15.52 -12.30 -9.12
N LEU B 215 14.58 -11.93 -8.24
CA LEU B 215 14.02 -10.58 -8.33
C LEU B 215 14.77 -9.62 -7.43
N VAL B 216 14.99 -10.00 -6.18
CA VAL B 216 15.72 -9.15 -5.23
C VAL B 216 16.69 -10.01 -4.45
N ASP B 217 17.98 -9.70 -4.57
CA ASP B 217 18.95 -10.08 -3.56
C ASP B 217 19.44 -8.80 -2.91
N PRO B 218 18.99 -8.45 -1.71
CA PRO B 218 19.29 -7.12 -1.18
C PRO B 218 20.73 -6.94 -0.74
N LYS B 219 21.47 -8.03 -0.48
CA LYS B 219 22.87 -7.91 -0.10
C LYS B 219 23.79 -7.85 -1.31
N GLN B 220 23.43 -8.58 -2.38
CA GLN B 220 24.23 -8.63 -3.60
C GLN B 220 23.31 -8.40 -4.80
N PRO B 221 22.85 -7.16 -5.00
CA PRO B 221 21.88 -6.90 -6.07
C PRO B 221 22.42 -7.14 -7.48
N GLU B 222 23.72 -7.41 -7.64
CA GLU B 222 24.21 -7.90 -8.92
C GLU B 222 23.56 -9.22 -9.31
N HIS B 223 23.01 -9.96 -8.33
CA HIS B 223 22.29 -11.19 -8.63
C HIS B 223 20.91 -10.95 -9.22
N ASN B 224 20.37 -9.73 -9.16
CA ASN B 224 19.03 -9.48 -9.68
C ASN B 224 18.96 -9.84 -11.17
N PHE B 225 17.89 -10.54 -11.55
CA PHE B 225 17.59 -10.99 -12.91
C PHE B 225 18.54 -12.07 -13.39
N LYS B 226 19.38 -12.62 -12.53
CA LYS B 226 20.16 -13.82 -12.85
C LYS B 226 19.39 -15.06 -12.40
N LYS B 227 19.87 -16.24 -12.79
CA LYS B 227 19.24 -17.48 -12.36
C LYS B 227 19.95 -18.01 -11.13
N LEU B 228 19.17 -18.38 -10.12
CA LEU B 228 19.74 -18.85 -8.85
C LEU B 228 20.78 -19.96 -9.06
N GLY B 229 20.42 -20.96 -9.86
CA GLY B 229 21.31 -22.11 -10.04
C GLY B 229 22.61 -21.77 -10.73
N GLU B 230 22.69 -20.60 -11.36
CA GLU B 230 23.90 -20.20 -12.07
C GLU B 230 24.78 -19.28 -11.22
N LEU B 231 24.37 -18.98 -9.98
CA LEU B 231 25.15 -18.08 -9.15
C LEU B 231 26.27 -18.78 -8.41
N GLY B 232 26.33 -20.11 -8.48
CA GLY B 232 27.41 -20.85 -7.82
C GLY B 232 27.32 -20.76 -6.31
N ASP B 233 28.47 -20.95 -5.67
CA ASP B 233 28.64 -20.82 -4.21
C ASP B 233 27.53 -21.61 -3.54
N GLY B 234 26.85 -21.07 -2.52
CA GLY B 234 25.71 -21.76 -1.97
C GLY B 234 24.40 -21.51 -2.66
N PHE B 235 24.33 -20.50 -3.54
CA PHE B 235 23.05 -20.09 -4.10
C PHE B 235 22.46 -21.19 -4.97
N ALA B 236 23.29 -21.93 -5.70
CA ALA B 236 22.80 -23.07 -6.46
C ALA B 236 22.07 -24.06 -5.56
N GLU B 237 22.51 -24.21 -4.30
CA GLU B 237 21.86 -25.14 -3.39
C GLU B 237 20.42 -24.70 -3.09
N LEU B 238 20.16 -23.39 -3.06
CA LEU B 238 18.78 -22.93 -2.89
C LEU B 238 17.92 -23.24 -4.10
N ALA B 239 18.53 -23.41 -5.26
CA ALA B 239 17.79 -23.49 -6.51
C ALA B 239 16.96 -24.76 -6.65
N LYS B 240 17.24 -25.79 -5.84
CA LYS B 240 16.55 -27.07 -5.98
C LYS B 240 15.45 -27.28 -4.95
N THR B 241 15.16 -26.28 -4.12
CA THR B 241 14.20 -26.42 -3.03
C THR B 241 12.97 -25.55 -3.30
N GLY B 242 11.80 -26.20 -3.44
CA GLY B 242 10.58 -25.47 -3.70
C GLY B 242 9.88 -24.93 -2.48
N SER B 243 10.19 -25.48 -1.30
CA SER B 243 9.61 -24.98 -0.06
C SER B 243 10.37 -25.59 1.11
N GLY B 244 10.41 -24.83 2.21
CA GLY B 244 10.92 -25.36 3.45
C GLY B 244 12.40 -25.11 3.67
N LEU B 245 12.96 -25.90 4.59
CA LEU B 245 14.29 -25.65 5.11
C LEU B 245 15.37 -26.05 4.11
N VAL B 246 16.44 -25.24 4.07
CA VAL B 246 17.69 -25.60 3.42
C VAL B 246 18.81 -25.17 4.35
N GLU B 247 19.77 -26.06 4.58
CA GLU B 247 21.00 -25.70 5.29
C GLU B 247 22.12 -25.62 4.27
N LEU B 248 22.86 -24.52 4.29
CA LEU B 248 23.82 -24.29 3.22
C LEU B 248 24.89 -23.31 3.69
N THR B 249 25.98 -23.26 2.92
CA THR B 249 27.04 -22.29 3.13
C THR B 249 26.94 -21.22 2.06
N LEU B 250 26.69 -20.00 2.48
CA LEU B 250 26.51 -18.86 1.58
C LEU B 250 27.66 -17.90 1.80
N ASN B 251 28.49 -17.72 0.76
CA ASN B 251 29.63 -16.81 0.82
C ASN B 251 30.57 -17.16 1.97
N GLY B 252 30.77 -18.47 2.19
CA GLY B 252 31.68 -18.94 3.22
C GLY B 252 31.14 -18.96 4.63
N GLU B 253 29.87 -18.62 4.84
CA GLU B 253 29.25 -18.62 6.16
C GLU B 253 28.07 -19.59 6.16
N ARG B 254 27.98 -20.40 7.22
CA ARG B 254 26.86 -21.34 7.34
C ARG B 254 25.56 -20.58 7.55
N TYR B 255 24.55 -20.91 6.75
CA TYR B 255 23.27 -20.21 6.77
C TYR B 255 22.13 -21.20 6.86
N MET B 256 21.02 -20.75 7.44
CA MET B 256 19.75 -21.48 7.35
C MET B 256 18.77 -20.66 6.51
N ALA B 257 18.03 -21.36 5.64
CA ALA B 257 17.12 -20.72 4.70
C ALA B 257 15.74 -21.36 4.82
N ASN B 258 14.70 -20.54 4.71
CA ASN B 258 13.33 -21.02 4.65
C ASN B 258 12.74 -20.52 3.33
N VAL B 259 12.44 -21.44 2.42
CA VAL B 259 11.83 -21.07 1.14
C VAL B 259 10.32 -21.03 1.33
N TYR B 260 9.73 -19.86 1.16
CA TYR B 260 8.33 -19.60 1.51
C TYR B 260 7.56 -19.17 0.27
N PRO B 261 6.72 -20.03 -0.30
CA PRO B 261 5.93 -19.63 -1.48
C PRO B 261 4.82 -18.65 -1.13
N SER B 262 4.68 -17.61 -1.97
CA SER B 262 3.55 -16.68 -1.93
C SER B 262 2.53 -17.14 -2.95
N GLU B 263 1.38 -17.62 -2.48
CA GLU B 263 0.32 -18.00 -3.41
C GLU B 263 -0.17 -16.79 -4.20
N GLN B 264 -0.40 -15.66 -3.52
CA GLN B 264 -0.99 -14.50 -4.19
C GLN B 264 -0.01 -13.78 -5.10
N LEU B 265 1.28 -13.72 -4.75
CA LEU B 265 2.24 -13.04 -5.64
C LEU B 265 2.86 -13.96 -6.66
N GLY B 266 2.75 -15.28 -6.46
CA GLY B 266 3.36 -16.21 -7.40
C GLY B 266 4.87 -16.25 -7.38
N TRP B 267 5.49 -15.73 -6.32
CA TRP B 267 6.93 -15.68 -6.11
C TRP B 267 7.27 -16.50 -4.86
N ASN B 268 8.56 -16.79 -4.69
CA ASN B 268 9.04 -17.37 -3.44
C ASN B 268 9.83 -16.33 -2.66
N PHE B 269 9.57 -16.23 -1.36
CA PHE B 269 10.47 -15.53 -0.46
C PHE B 269 11.47 -16.54 0.07
N ILE B 270 12.72 -16.15 0.21
CA ILE B 270 13.70 -17.01 0.87
C ILE B 270 14.21 -16.26 2.08
N GLY B 271 13.88 -16.75 3.28
CA GLY B 271 14.37 -16.14 4.50
C GLY B 271 15.70 -16.76 4.87
N LEU B 272 16.69 -15.90 5.11
CA LEU B 272 18.06 -16.34 5.38
C LEU B 272 18.53 -15.77 6.71
N ILE B 273 18.96 -16.66 7.61
CA ILE B 273 19.49 -16.28 8.91
C ILE B 273 20.75 -17.10 9.16
N LYS B 274 21.82 -16.44 9.60
CA LYS B 274 23.07 -17.14 9.83
C LYS B 274 22.87 -18.21 10.90
N GLN B 275 23.50 -19.37 10.72
CA GLN B 275 23.24 -20.46 11.65
C GLN B 275 23.80 -20.16 13.04
N ASP B 276 24.84 -19.32 13.13
CA ASP B 276 25.29 -18.84 14.44
C ASP B 276 24.13 -18.21 15.20
N GLU B 277 23.37 -17.34 14.53
CA GLU B 277 22.27 -16.65 15.20
C GLU B 277 21.16 -17.62 15.58
N VAL B 278 20.89 -18.63 14.74
CA VAL B 278 19.83 -19.58 15.06
C VAL B 278 20.18 -20.37 16.31
N MET B 279 21.45 -20.76 16.45
CA MET B 279 21.88 -21.49 17.63
C MET B 279 22.85 -20.67 18.47
#